data_8ZGZ
#
_entry.id   8ZGZ
#
_cell.length_a   1.00
_cell.length_b   1.00
_cell.length_c   1.00
_cell.angle_alpha   90.00
_cell.angle_beta   90.00
_cell.angle_gamma   90.00
#
_symmetry.space_group_name_H-M   'P 1'
#
_entity_poly.entity_id   1
_entity_poly.type   'polypeptide(L)'
_entity_poly.pdbx_seq_one_letter_code
;MANHYLRIFQQPKSAILLILGFASGLPLALTSGTLQAWMTVENIDLKTIGFFSLVGQAYVFKFLWSPVMDRYTPPFLGRR
RGWLVTTQILLLIAIAAMGFLEPGTQLRWMAALAVVIAFCSASQDIVFDAWKTDVLPAEERGTGAAISVLGYRLGMLVSG
GLALWMADKWLGWQGMYWLMAALLVPCIIATLLAPEPSDVVPVPRTLEQAVVAPLRDFFGRNNAWLILLLIVLYKLGDAF
AMSLTTTFLIRGVGFDAGEVGMVNKTLGLIATIIGALYGGVLMQRLSLFRALLIFGILQGVSNAGYWLLSITDKHLMSMA
VAVFFENLCGGMGTAAFVALLMTLCNKSFSATQFALLSALSAVGRVYVGPIAGWFVEAHGWPTFYLFSVFAAVPGILLLL
ICRKTLEYTQQTESFMMRRHFSGAYQFALYLLLLGCLLLALWLIMLALNAIDYTSFSFLAGLLEVAALIAIAGVLLGAIL
DYLALRRTEEHKLA
;
_entity_poly.pdbx_strand_id   A
#
# COMPACT_ATOMS: atom_id res chain seq x y z
N PHE A 9 -2.16 28.76 -0.12
CA PHE A 9 -2.62 30.07 -0.57
C PHE A 9 -4.02 29.98 -1.15
N GLN A 10 -4.93 30.83 -0.66
CA GLN A 10 -6.30 30.79 -1.12
C GLN A 10 -6.42 31.42 -2.51
N GLN A 11 -6.94 30.65 -3.46
CA GLN A 11 -7.19 31.09 -4.83
C GLN A 11 -8.24 30.17 -5.45
N PRO A 12 -8.89 30.59 -6.54
CA PRO A 12 -9.96 29.75 -7.11
C PRO A 12 -9.53 28.33 -7.44
N LYS A 13 -8.25 28.12 -7.72
CA LYS A 13 -7.73 26.79 -8.06
C LYS A 13 -6.95 26.21 -6.88
N SER A 14 -7.46 26.51 -5.68
CA SER A 14 -6.81 26.02 -4.47
C SER A 14 -7.73 25.09 -3.69
N ALA A 15 -8.97 25.54 -3.47
CA ALA A 15 -9.92 24.71 -2.72
C ALA A 15 -10.20 23.41 -3.45
N ILE A 16 -10.19 23.45 -4.79
CA ILE A 16 -10.43 22.23 -5.56
C ILE A 16 -9.36 21.20 -5.27
N LEU A 17 -8.09 21.64 -5.22
CA LEU A 17 -7.00 20.72 -4.94
C LEU A 17 -7.13 20.10 -3.55
N LEU A 18 -7.85 20.76 -2.64
CA LEU A 18 -8.07 20.19 -1.30
C LEU A 18 -9.29 19.28 -1.29
N ILE A 19 -10.40 19.74 -1.87
CA ILE A 19 -11.62 18.92 -1.88
C ILE A 19 -11.45 17.71 -2.80
N LEU A 20 -10.86 17.91 -3.97
CA LEU A 20 -10.63 16.77 -4.86
C LEU A 20 -9.64 15.79 -4.23
N GLY A 21 -8.61 16.30 -3.56
CA GLY A 21 -7.74 15.43 -2.79
C GLY A 21 -8.47 14.77 -1.63
N PHE A 22 -9.42 15.49 -1.02
CA PHE A 22 -10.26 14.89 0.01
C PHE A 22 -11.06 13.73 -0.54
N ALA A 23 -11.38 13.76 -1.84
CA ALA A 23 -12.08 12.64 -2.46
C ALA A 23 -11.19 11.42 -2.66
N SER A 24 -9.88 11.58 -2.50
CA SER A 24 -8.96 10.47 -2.67
C SER A 24 -8.60 9.79 -1.35
N GLY A 25 -8.53 10.57 -0.26
CA GLY A 25 -8.20 9.98 1.02
C GLY A 25 -9.37 9.33 1.72
N LEU A 26 -10.60 9.79 1.44
CA LEU A 26 -11.77 9.21 2.08
C LEU A 26 -11.94 7.72 1.79
N PRO A 27 -11.89 7.25 0.54
CA PRO A 27 -12.11 5.82 0.31
C PRO A 27 -10.93 4.94 0.68
N LEU A 28 -9.73 5.48 0.80
CA LEU A 28 -8.56 4.65 1.09
C LEU A 28 -8.68 4.02 2.47
N ALA A 29 -9.10 4.79 3.47
CA ALA A 29 -9.25 4.24 4.81
C ALA A 29 -10.48 3.37 4.92
N LEU A 30 -11.49 3.62 4.09
CA LEU A 30 -12.74 2.87 4.20
C LEU A 30 -12.56 1.42 3.75
N THR A 31 -11.72 1.19 2.74
CA THR A 31 -11.52 -0.17 2.25
C THR A 31 -10.50 -0.93 3.08
N SER A 32 -9.62 -0.22 3.80
CA SER A 32 -8.53 -0.85 4.54
C SER A 32 -8.74 -0.80 6.04
N GLY A 33 -8.92 0.39 6.60
CA GLY A 33 -8.98 0.53 8.05
C GLY A 33 -10.36 0.37 8.65
N THR A 34 -11.32 1.18 8.22
CA THR A 34 -12.65 1.14 8.81
C THR A 34 -13.34 -0.18 8.53
N LEU A 35 -13.20 -0.70 7.31
CA LEU A 35 -13.76 -2.00 6.99
C LEU A 35 -13.17 -3.08 7.88
N GLN A 36 -11.85 -3.03 8.09
CA GLN A 36 -11.22 -3.92 9.03
C GLN A 36 -11.77 -3.72 10.43
N ALA A 37 -11.92 -2.46 10.85
CA ALA A 37 -12.52 -2.18 12.15
C ALA A 37 -13.99 -2.56 12.17
N TRP A 38 -14.68 -2.45 11.02
CA TRP A 38 -16.05 -2.94 10.93
C TRP A 38 -16.09 -4.45 11.13
N MET A 39 -15.19 -5.19 10.48
CA MET A 39 -15.15 -6.62 10.65
C MET A 39 -14.67 -7.00 12.05
N THR A 40 -13.71 -6.24 12.59
CA THR A 40 -13.19 -6.56 13.91
C THR A 40 -14.25 -6.39 14.99
N VAL A 41 -15.04 -5.32 14.91
CA VAL A 41 -16.07 -5.08 15.92
C VAL A 41 -17.21 -6.08 15.77
N GLU A 42 -17.47 -6.54 14.55
CA GLU A 42 -18.57 -7.46 14.28
C GLU A 42 -18.16 -8.93 14.43
N ASN A 43 -17.07 -9.20 15.13
CA ASN A 43 -16.60 -10.54 15.45
C ASN A 43 -16.27 -11.36 14.20
N ILE A 44 -15.93 -10.70 13.10
CA ILE A 44 -15.41 -11.42 11.95
C ILE A 44 -14.00 -11.91 12.27
N ASP A 45 -13.72 -13.16 11.92
CA ASP A 45 -12.51 -13.83 12.37
C ASP A 45 -11.27 -13.19 11.76
N LEU A 46 -10.12 -13.42 12.42
CA LEU A 46 -8.87 -12.78 12.04
C LEU A 46 -8.44 -13.17 10.63
N LYS A 47 -8.59 -14.46 10.28
CA LYS A 47 -8.11 -14.93 8.99
C LYS A 47 -8.81 -14.20 7.85
N THR A 48 -10.13 -14.03 7.94
CA THR A 48 -10.86 -13.33 6.89
C THR A 48 -10.48 -11.85 6.86
N ILE A 49 -10.16 -11.27 8.01
CA ILE A 49 -9.74 -9.87 8.05
C ILE A 49 -8.45 -9.69 7.25
N GLY A 50 -7.51 -10.62 7.40
CA GLY A 50 -6.28 -10.55 6.63
C GLY A 50 -6.51 -10.69 5.14
N PHE A 51 -7.47 -11.53 4.74
CA PHE A 51 -7.80 -11.67 3.33
C PHE A 51 -8.35 -10.37 2.76
N PHE A 52 -8.94 -9.53 3.60
CA PHE A 52 -9.44 -8.25 3.15
C PHE A 52 -8.35 -7.23 2.89
N SER A 53 -7.10 -7.53 3.26
CA SER A 53 -6.00 -6.67 2.87
C SER A 53 -5.68 -6.80 1.39
N LEU A 54 -6.18 -7.86 0.73
CA LEU A 54 -5.95 -8.03 -0.69
C LEU A 54 -6.66 -6.96 -1.51
N VAL A 55 -7.80 -6.48 -1.03
CA VAL A 55 -8.51 -5.44 -1.76
C VAL A 55 -7.73 -4.14 -1.75
N GLY A 56 -6.71 -4.03 -0.90
CA GLY A 56 -5.81 -2.90 -0.98
C GLY A 56 -4.84 -2.96 -2.14
N GLN A 57 -4.75 -4.10 -2.82
CA GLN A 57 -3.87 -4.22 -3.97
C GLN A 57 -4.38 -3.42 -5.17
N ALA A 58 -5.64 -2.98 -5.14
CA ALA A 58 -6.14 -2.15 -6.23
C ALA A 58 -5.46 -0.79 -6.26
N TYR A 59 -5.01 -0.28 -5.12
CA TYR A 59 -4.23 0.94 -5.09
C TYR A 59 -2.80 0.75 -5.57
N VAL A 60 -2.32 -0.49 -5.64
CA VAL A 60 -0.95 -0.76 -6.03
C VAL A 60 -0.84 -1.43 -7.38
N PHE A 61 -1.95 -1.90 -7.95
CA PHE A 61 -2.01 -2.25 -9.36
C PHE A 61 -2.61 -1.14 -10.20
N LYS A 62 -2.63 0.08 -9.66
CA LYS A 62 -3.14 1.23 -10.39
C LYS A 62 -2.31 1.57 -11.62
N PHE A 63 -1.06 1.10 -11.68
CA PHE A 63 -0.21 1.40 -12.81
C PHE A 63 -0.78 0.84 -14.10
N LEU A 64 -1.52 -0.27 -14.02
CA LEU A 64 -2.13 -0.84 -15.22
C LEU A 64 -3.29 0.02 -15.72
N TRP A 65 -4.11 0.54 -14.81
CA TRP A 65 -5.27 1.32 -15.22
C TRP A 65 -4.92 2.73 -15.66
N SER A 66 -3.76 3.25 -15.27
CA SER A 66 -3.41 4.61 -15.64
C SER A 66 -3.38 4.81 -17.15
N PRO A 67 -2.83 3.91 -17.97
CA PRO A 67 -3.03 4.02 -19.42
C PRO A 67 -4.48 3.95 -19.84
N VAL A 68 -5.32 3.20 -19.12
CA VAL A 68 -6.67 2.94 -19.58
C VAL A 68 -7.49 4.22 -19.62
N MET A 69 -7.39 5.06 -18.58
CA MET A 69 -8.23 6.25 -18.51
C MET A 69 -7.96 7.22 -19.65
N ASP A 70 -6.80 7.11 -20.31
CA ASP A 70 -6.50 7.99 -21.42
C ASP A 70 -7.01 7.42 -22.74
N ARG A 71 -6.67 6.15 -23.03
CA ARG A 71 -7.07 5.56 -24.30
C ARG A 71 -8.58 5.34 -24.36
N TYR A 72 -9.18 4.92 -23.24
CA TYR A 72 -10.62 4.72 -23.22
C TYR A 72 -11.35 6.04 -23.39
N THR A 73 -12.54 5.96 -23.99
CA THR A 73 -13.28 7.16 -24.32
C THR A 73 -13.67 7.91 -23.04
N PRO A 74 -13.66 9.24 -23.10
CA PRO A 74 -14.12 10.03 -21.94
C PRO A 74 -15.63 9.95 -21.82
N PRO A 75 -16.14 9.56 -20.65
CA PRO A 75 -17.59 9.42 -20.50
C PRO A 75 -18.30 10.71 -20.09
N PHE A 76 -19.21 11.18 -20.95
CA PHE A 76 -20.19 12.23 -20.68
C PHE A 76 -19.58 13.62 -20.58
N LEU A 77 -18.25 13.70 -20.50
CA LEU A 77 -17.57 14.96 -20.25
C LEU A 77 -16.14 14.84 -20.77
N GLY A 78 -15.28 15.75 -20.34
CA GLY A 78 -13.86 15.64 -20.65
C GLY A 78 -13.23 14.44 -19.97
N ARG A 79 -12.04 14.10 -20.46
CA ARG A 79 -11.34 12.93 -19.93
C ARG A 79 -10.98 13.10 -18.46
N ARG A 80 -10.56 14.30 -18.08
CA ARG A 80 -10.13 14.53 -16.70
C ARG A 80 -11.29 14.91 -15.79
N ARG A 81 -12.19 15.79 -16.24
CA ARG A 81 -13.33 16.16 -15.42
C ARG A 81 -14.34 15.04 -15.31
N GLY A 82 -14.68 14.43 -16.45
CA GLY A 82 -15.76 13.45 -16.45
C GLY A 82 -15.43 12.19 -15.68
N TRP A 83 -14.21 11.68 -15.84
CA TRP A 83 -13.88 10.42 -15.20
C TRP A 83 -13.81 10.55 -13.69
N LEU A 84 -13.49 11.74 -13.18
CA LEU A 84 -13.44 11.93 -11.74
C LEU A 84 -14.83 11.88 -11.13
N VAL A 85 -15.84 12.42 -11.83
CA VAL A 85 -17.21 12.26 -11.37
C VAL A 85 -17.59 10.78 -11.36
N THR A 86 -17.19 10.05 -12.41
CA THR A 86 -17.58 8.65 -12.53
C THR A 86 -17.10 7.84 -11.33
N THR A 87 -15.84 8.03 -10.93
CA THR A 87 -15.34 7.32 -9.77
C THR A 87 -15.86 7.90 -8.47
N GLN A 88 -16.17 9.20 -8.44
CA GLN A 88 -16.77 9.78 -7.24
C GLN A 88 -18.23 9.38 -7.09
N ILE A 89 -19.00 9.42 -8.18
CA ILE A 89 -20.40 9.03 -8.09
C ILE A 89 -20.52 7.54 -7.83
N LEU A 90 -19.61 6.73 -8.38
CA LEU A 90 -19.58 5.31 -8.06
C LEU A 90 -19.29 5.09 -6.58
N LEU A 91 -18.30 5.83 -6.05
CA LEU A 91 -17.98 5.70 -4.63
C LEU A 91 -19.14 6.19 -3.76
N LEU A 92 -19.76 7.32 -4.13
CA LEU A 92 -20.89 7.82 -3.37
C LEU A 92 -22.01 6.78 -3.29
N ILE A 93 -22.12 5.95 -4.33
CA ILE A 93 -23.02 4.81 -4.27
C ILE A 93 -22.36 3.63 -3.59
N ALA A 94 -21.11 3.34 -3.94
CA ALA A 94 -20.43 2.17 -3.38
C ALA A 94 -20.23 2.29 -1.88
N ILE A 95 -19.83 3.46 -1.39
CA ILE A 95 -19.68 3.65 0.05
C ILE A 95 -21.03 3.55 0.75
N ALA A 96 -22.06 4.15 0.16
CA ALA A 96 -23.38 4.09 0.77
C ALA A 96 -23.94 2.67 0.75
N ALA A 97 -23.88 2.03 -0.42
CA ALA A 97 -24.36 0.65 -0.53
C ALA A 97 -23.56 -0.28 0.36
N MET A 98 -22.31 0.07 0.68
CA MET A 98 -21.55 -0.69 1.64
C MET A 98 -22.20 -0.66 3.02
N GLY A 99 -22.71 0.51 3.42
CA GLY A 99 -23.39 0.61 4.69
C GLY A 99 -24.69 -0.16 4.73
N PHE A 100 -25.28 -0.42 3.56
CA PHE A 100 -26.50 -1.21 3.51
C PHE A 100 -26.23 -2.68 3.81
N LEU A 101 -25.01 -3.14 3.55
CA LEU A 101 -24.64 -4.53 3.79
C LEU A 101 -24.07 -4.68 5.21
N GLU A 102 -24.49 -5.75 5.87
CA GLU A 102 -24.21 -5.96 7.28
C GLU A 102 -23.17 -7.06 7.48
N PRO A 103 -22.06 -6.78 8.15
CA PRO A 103 -21.12 -7.86 8.47
C PRO A 103 -21.77 -8.87 9.39
N GLY A 104 -21.31 -10.11 9.29
CA GLY A 104 -22.07 -11.20 9.86
C GLY A 104 -22.73 -12.00 8.76
N THR A 105 -24.02 -11.74 8.52
CA THR A 105 -24.74 -12.50 7.50
C THR A 105 -24.13 -12.27 6.12
N GLN A 106 -23.82 -11.03 5.77
CA GLN A 106 -23.41 -10.68 4.41
C GLN A 106 -22.02 -10.06 4.43
N LEU A 107 -21.03 -10.83 3.98
CA LEU A 107 -19.69 -10.29 3.72
C LEU A 107 -19.29 -10.33 2.27
N ARG A 108 -19.73 -11.34 1.51
CA ARG A 108 -19.30 -11.48 0.12
C ARG A 108 -19.74 -10.30 -0.72
N TRP A 109 -20.99 -9.86 -0.56
CA TRP A 109 -21.42 -8.64 -1.23
C TRP A 109 -20.67 -7.44 -0.70
N MET A 110 -20.43 -7.40 0.61
CA MET A 110 -19.58 -6.34 1.19
C MET A 110 -18.15 -6.46 0.68
N ALA A 111 -17.62 -7.68 0.61
CA ALA A 111 -16.27 -7.86 0.09
C ALA A 111 -16.19 -7.47 -1.37
N ALA A 112 -17.17 -7.88 -2.18
CA ALA A 112 -17.18 -7.50 -3.58
C ALA A 112 -17.35 -6.00 -3.74
N LEU A 113 -18.16 -5.38 -2.88
CA LEU A 113 -18.31 -3.93 -2.91
C LEU A 113 -17.00 -3.24 -2.56
N ALA A 114 -16.25 -3.81 -1.62
CA ALA A 114 -14.97 -3.22 -1.23
C ALA A 114 -14.01 -3.17 -2.42
N VAL A 115 -13.99 -4.21 -3.23
CA VAL A 115 -13.13 -4.23 -4.41
C VAL A 115 -13.56 -3.13 -5.39
N VAL A 116 -14.88 -3.00 -5.60
CA VAL A 116 -15.39 -1.92 -6.45
C VAL A 116 -15.06 -0.57 -5.83
N ILE A 117 -15.20 -0.46 -4.50
CA ILE A 117 -14.68 0.71 -3.81
C ILE A 117 -13.20 0.87 -4.08
N ALA A 118 -12.44 -0.21 -3.97
CA ALA A 118 -11.01 -0.17 -4.24
C ALA A 118 -10.72 0.12 -5.70
N PHE A 119 -11.48 -0.50 -6.62
CA PHE A 119 -11.26 -0.26 -8.04
C PHE A 119 -11.56 1.19 -8.41
N CYS A 120 -12.66 1.73 -7.88
CA CYS A 120 -13.02 3.11 -8.20
C CYS A 120 -12.17 4.12 -7.45
N SER A 121 -11.78 3.82 -6.20
CA SER A 121 -10.96 4.76 -5.44
C SER A 121 -9.59 4.92 -6.07
N ALA A 122 -9.00 3.82 -6.54
CA ALA A 122 -7.76 3.93 -7.29
C ALA A 122 -7.97 4.67 -8.61
N SER A 123 -9.15 4.50 -9.22
CA SER A 123 -9.48 5.30 -10.38
C SER A 123 -9.66 6.77 -10.00
N GLN A 124 -10.10 7.04 -8.78
CA GLN A 124 -10.20 8.42 -8.30
C GLN A 124 -8.82 9.07 -8.25
N ASP A 125 -7.82 8.33 -7.76
CA ASP A 125 -6.47 8.90 -7.65
C ASP A 125 -5.82 9.03 -9.02
N ILE A 126 -6.06 8.07 -9.92
CA ILE A 126 -5.40 8.10 -11.22
C ILE A 126 -5.87 9.31 -12.02
N VAL A 127 -7.19 9.53 -12.08
CA VAL A 127 -7.72 10.65 -12.85
C VAL A 127 -7.31 11.97 -12.21
N PHE A 128 -7.31 12.04 -10.88
CA PHE A 128 -6.85 13.25 -10.21
C PHE A 128 -5.38 13.50 -10.47
N ASP A 129 -4.55 12.45 -10.41
CA ASP A 129 -3.13 12.60 -10.70
C ASP A 129 -2.92 13.07 -12.13
N ALA A 130 -3.69 12.52 -13.07
CA ALA A 130 -3.64 13.02 -14.44
C ALA A 130 -4.10 14.46 -14.50
N TRP A 131 -5.12 14.82 -13.72
CA TRP A 131 -5.53 16.21 -13.63
C TRP A 131 -4.50 17.06 -12.89
N LYS A 132 -3.87 16.50 -11.86
CA LYS A 132 -2.84 17.23 -11.13
C LYS A 132 -1.58 17.45 -11.94
N THR A 133 -1.36 16.67 -12.99
CA THR A 133 -0.19 16.86 -13.84
C THR A 133 -0.47 17.80 -15.02
N ASP A 134 -1.70 17.84 -15.51
CA ASP A 134 -2.01 18.75 -16.61
C ASP A 134 -2.26 20.18 -16.14
N VAL A 135 -2.69 20.38 -14.90
CA VAL A 135 -3.07 21.70 -14.41
C VAL A 135 -1.99 22.36 -13.58
N LEU A 136 -0.95 21.63 -13.18
CA LEU A 136 0.07 22.19 -12.31
C LEU A 136 1.33 22.51 -13.11
N PRO A 137 1.67 23.79 -13.30
CA PRO A 137 2.95 24.12 -13.91
C PRO A 137 4.09 23.83 -12.94
N ALA A 138 5.30 23.77 -13.48
CA ALA A 138 6.46 23.49 -12.65
C ALA A 138 6.62 24.54 -11.56
N GLU A 139 6.33 25.80 -11.87
CA GLU A 139 6.43 26.86 -10.87
C GLU A 139 5.43 26.62 -9.73
N GLU A 140 4.20 26.26 -10.08
CA GLU A 140 3.15 26.07 -9.08
C GLU A 140 3.08 24.64 -8.56
N ARG A 141 3.85 23.72 -9.14
CA ARG A 141 3.89 22.36 -8.64
C ARG A 141 4.55 22.33 -7.27
N GLY A 142 4.12 21.40 -6.44
CA GLY A 142 4.58 21.36 -5.07
C GLY A 142 3.74 22.23 -4.17
N THR A 143 3.45 23.45 -4.60
CA THR A 143 2.50 24.29 -3.89
C THR A 143 1.12 23.64 -3.89
N GLY A 144 0.68 23.15 -5.05
CA GLY A 144 -0.55 22.39 -5.11
C GLY A 144 -0.39 20.95 -4.67
N ALA A 145 0.79 20.38 -4.86
CA ALA A 145 1.03 19.00 -4.42
C ALA A 145 0.96 18.90 -2.90
N ALA A 146 1.54 19.87 -2.20
CA ALA A 146 1.42 19.89 -0.75
C ALA A 146 -0.03 20.09 -0.32
N ILE A 147 -0.75 20.97 -1.03
CA ILE A 147 -2.16 21.17 -0.73
C ILE A 147 -2.95 19.91 -1.00
N SER A 148 -2.66 19.23 -2.11
CA SER A 148 -3.36 18.00 -2.45
C SER A 148 -3.11 16.92 -1.41
N VAL A 149 -1.85 16.75 -0.99
CA VAL A 149 -1.53 15.75 0.02
C VAL A 149 -2.15 16.12 1.36
N LEU A 150 -2.19 17.42 1.67
CA LEU A 150 -2.85 17.87 2.90
C LEU A 150 -4.30 17.43 2.93
N GLY A 151 -5.02 17.62 1.83
CA GLY A 151 -6.40 17.14 1.76
C GLY A 151 -6.49 15.63 1.82
N TYR A 152 -5.53 14.95 1.19
CA TYR A 152 -5.49 13.49 1.28
C TYR A 152 -5.30 13.04 2.72
N ARG A 153 -4.40 13.70 3.46
CA ARG A 153 -4.23 13.41 4.87
C ARG A 153 -5.48 13.77 5.66
N LEU A 154 -6.11 14.90 5.34
CA LEU A 154 -7.37 15.26 5.98
C LEU A 154 -8.45 14.23 5.67
N GLY A 155 -8.54 13.81 4.41
CA GLY A 155 -9.49 12.77 4.06
C GLY A 155 -9.18 11.45 4.74
N MET A 156 -7.90 11.15 4.93
CA MET A 156 -7.52 9.93 5.63
C MET A 156 -7.99 9.97 7.08
N LEU A 157 -7.81 11.10 7.76
CA LEU A 157 -8.21 11.18 9.17
C LEU A 157 -9.73 11.31 9.32
N VAL A 158 -10.39 11.99 8.38
CA VAL A 158 -11.85 12.03 8.40
C VAL A 158 -12.41 10.63 8.20
N SER A 159 -11.84 9.87 7.28
CA SER A 159 -12.20 8.48 7.11
C SER A 159 -11.42 7.56 8.05
N GLY A 160 -10.50 8.10 8.84
CA GLY A 160 -9.77 7.32 9.82
C GLY A 160 -10.29 7.55 11.22
N GLY A 161 -9.63 8.44 11.95
CA GLY A 161 -10.03 8.70 13.34
C GLY A 161 -11.42 9.28 13.47
N LEU A 162 -11.73 10.29 12.65
CA LEU A 162 -13.05 10.90 12.73
C LEU A 162 -14.15 9.91 12.38
N ALA A 163 -13.90 9.03 11.40
CA ALA A 163 -14.89 8.01 11.05
C ALA A 163 -15.09 7.01 12.18
N LEU A 164 -14.00 6.49 12.74
CA LEU A 164 -14.13 5.47 13.77
C LEU A 164 -14.78 6.03 15.04
N TRP A 165 -14.42 7.27 15.42
CA TRP A 165 -15.05 7.86 16.58
C TRP A 165 -16.51 8.20 16.31
N MET A 166 -16.81 8.69 15.10
CA MET A 166 -18.19 8.94 14.72
C MET A 166 -19.01 7.65 14.73
N ALA A 167 -18.37 6.49 14.55
CA ALA A 167 -19.06 5.22 14.64
C ALA A 167 -19.49 4.90 16.06
N ASP A 168 -18.88 5.53 17.07
CA ASP A 168 -19.30 5.31 18.45
C ASP A 168 -20.38 6.29 18.86
N LYS A 169 -20.33 7.51 18.34
CA LYS A 169 -21.45 8.44 18.55
C LYS A 169 -22.65 7.95 17.75
N TRP A 170 -22.44 7.59 16.49
CA TRP A 170 -23.48 6.96 15.71
C TRP A 170 -23.86 5.61 16.30
N LEU A 171 -25.16 5.35 16.40
CA LEU A 171 -25.62 4.08 16.95
C LEU A 171 -25.45 2.97 15.90
N GLY A 172 -24.21 2.67 15.55
CA GLY A 172 -23.91 1.68 14.54
C GLY A 172 -22.87 2.19 13.57
N TRP A 173 -22.24 1.25 12.86
CA TRP A 173 -21.26 1.56 11.82
C TRP A 173 -21.90 1.94 10.50
N GLN A 174 -23.22 1.82 10.39
CA GLN A 174 -23.90 2.14 9.14
C GLN A 174 -23.77 3.62 8.80
N GLY A 175 -23.95 4.50 9.79
CA GLY A 175 -23.97 5.91 9.52
C GLY A 175 -22.63 6.45 9.07
N MET A 176 -21.53 5.91 9.62
CA MET A 176 -20.22 6.41 9.26
C MET A 176 -19.95 6.23 7.78
N TYR A 177 -20.31 5.07 7.22
CA TYR A 177 -20.22 4.90 5.77
C TYR A 177 -21.27 5.73 5.06
N TRP A 178 -22.46 5.86 5.65
CA TRP A 178 -23.49 6.69 5.05
C TRP A 178 -23.08 8.15 5.03
N LEU A 179 -22.39 8.61 6.08
CA LEU A 179 -21.94 10.00 6.09
C LEU A 179 -20.84 10.23 5.06
N MET A 180 -20.05 9.21 4.75
CA MET A 180 -19.06 9.35 3.70
C MET A 180 -19.71 9.56 2.34
N ALA A 181 -20.88 8.95 2.12
CA ALA A 181 -21.67 9.29 0.93
C ALA A 181 -22.15 10.73 1.00
N ALA A 182 -22.59 11.17 2.19
CA ALA A 182 -22.97 12.57 2.35
C ALA A 182 -21.77 13.49 2.19
N LEU A 183 -20.61 13.10 2.71
CA LEU A 183 -19.40 13.90 2.59
C LEU A 183 -18.80 13.86 1.19
N LEU A 184 -19.20 12.90 0.36
CA LEU A 184 -18.72 12.86 -1.01
C LEU A 184 -19.55 13.72 -1.96
N VAL A 185 -20.67 14.25 -1.49
CA VAL A 185 -21.44 15.20 -2.31
C VAL A 185 -20.62 16.44 -2.63
N PRO A 186 -19.92 17.08 -1.68
CA PRO A 186 -19.04 18.19 -2.07
C PRO A 186 -17.95 17.79 -3.03
N CYS A 187 -17.47 16.54 -2.97
CA CYS A 187 -16.40 16.10 -3.84
C CYS A 187 -16.82 16.14 -5.30
N ILE A 188 -18.02 15.63 -5.61
CA ILE A 188 -18.53 15.74 -6.98
C ILE A 188 -18.80 17.20 -7.33
N ILE A 189 -19.35 17.96 -6.38
CA ILE A 189 -19.64 19.37 -6.63
C ILE A 189 -18.36 20.13 -6.92
N ALA A 190 -17.28 19.81 -6.20
CA ALA A 190 -15.99 20.39 -6.52
C ALA A 190 -15.50 19.96 -7.91
N THR A 191 -15.75 18.71 -8.28
CA THR A 191 -15.29 18.22 -9.57
C THR A 191 -15.92 18.98 -10.72
N LEU A 192 -17.25 19.10 -10.71
CA LEU A 192 -17.93 19.82 -11.79
C LEU A 192 -17.71 21.32 -11.70
N LEU A 193 -17.34 21.83 -10.53
CA LEU A 193 -17.04 23.26 -10.43
C LEU A 193 -15.68 23.58 -11.03
N ALA A 194 -14.77 22.62 -11.06
CA ALA A 194 -13.43 22.85 -11.60
C ALA A 194 -13.52 22.99 -13.11
N PRO A 195 -13.04 24.10 -13.68
CA PRO A 195 -13.00 24.19 -15.15
C PRO A 195 -12.09 23.11 -15.71
N GLU A 196 -12.55 22.47 -16.77
CA GLU A 196 -11.79 21.36 -17.35
C GLU A 196 -10.51 21.89 -17.98
N PRO A 197 -9.45 21.08 -18.00
CA PRO A 197 -8.18 21.43 -18.65
C PRO A 197 -8.36 21.89 -20.09
N THR A 206 -0.28 5.82 -22.03
CA THR A 206 0.02 4.65 -22.84
C THR A 206 0.52 3.48 -21.99
N LEU A 207 0.16 2.26 -22.38
CA LEU A 207 0.59 1.09 -21.63
C LEU A 207 2.06 0.77 -21.87
N GLU A 208 2.53 1.01 -23.10
CA GLU A 208 3.93 0.71 -23.43
C GLU A 208 4.89 1.59 -22.65
N GLN A 209 4.68 2.90 -22.67
CA GLN A 209 5.62 3.82 -22.02
C GLN A 209 5.50 3.76 -20.51
N ALA A 210 4.27 3.76 -19.99
CA ALA A 210 4.08 3.88 -18.55
C ALA A 210 4.34 2.58 -17.81
N VAL A 211 4.06 1.44 -18.45
CA VAL A 211 4.10 0.14 -17.79
C VAL A 211 5.16 -0.77 -18.40
N VAL A 212 5.12 -0.95 -19.72
CA VAL A 212 5.98 -1.95 -20.36
C VAL A 212 7.44 -1.52 -20.30
N ALA A 213 7.73 -0.28 -20.65
CA ALA A 213 9.11 0.20 -20.69
C ALA A 213 9.81 0.16 -19.35
N PRO A 214 9.23 0.65 -18.25
CA PRO A 214 9.98 0.64 -16.98
C PRO A 214 10.40 -0.74 -16.52
N LEU A 215 9.59 -1.76 -16.77
CA LEU A 215 9.96 -3.12 -16.39
C LEU A 215 11.23 -3.56 -17.11
N ARG A 216 11.40 -3.14 -18.36
CA ARG A 216 12.59 -3.52 -19.11
C ARG A 216 13.85 -2.98 -18.46
N ASP A 217 13.81 -1.72 -18.03
CA ASP A 217 14.99 -1.13 -17.40
C ASP A 217 15.30 -1.78 -16.07
N PHE A 218 14.27 -2.03 -15.26
CA PHE A 218 14.48 -2.71 -13.99
C PHE A 218 14.93 -4.15 -14.18
N PHE A 219 14.44 -4.81 -15.22
CA PHE A 219 14.83 -6.18 -15.50
C PHE A 219 16.06 -6.29 -16.39
N GLY A 220 16.55 -5.16 -16.93
CA GLY A 220 17.78 -5.17 -17.70
C GLY A 220 18.99 -4.77 -16.89
N ARG A 221 18.76 -4.20 -15.72
CA ARG A 221 19.85 -3.75 -14.87
C ARG A 221 20.53 -4.95 -14.21
N ASN A 222 21.79 -4.75 -13.85
CA ASN A 222 22.55 -5.81 -13.21
C ASN A 222 22.00 -6.13 -11.82
N ASN A 223 21.52 -5.11 -11.11
CA ASN A 223 20.97 -5.33 -9.78
C ASN A 223 19.77 -6.26 -9.84
N ALA A 224 18.81 -5.94 -10.70
CA ALA A 224 17.64 -6.78 -10.96
C ALA A 224 16.93 -7.17 -9.68
N TRP A 225 16.99 -8.45 -9.33
CA TRP A 225 16.25 -8.97 -8.19
C TRP A 225 16.84 -8.56 -6.84
N LEU A 226 18.14 -8.25 -6.78
CA LEU A 226 18.70 -7.76 -5.52
C LEU A 226 18.04 -6.46 -5.09
N ILE A 227 17.90 -5.51 -6.02
CA ILE A 227 17.15 -4.30 -5.71
C ILE A 227 15.66 -4.63 -5.57
N LEU A 228 15.16 -5.53 -6.41
CA LEU A 228 13.75 -5.92 -6.35
C LEU A 228 13.39 -6.44 -4.97
N LEU A 229 14.17 -7.39 -4.46
CA LEU A 229 13.92 -7.89 -3.11
C LEU A 229 14.17 -6.79 -2.08
N LEU A 230 15.23 -6.01 -2.25
CA LEU A 230 15.50 -4.89 -1.36
C LEU A 230 14.36 -3.88 -1.40
N ILE A 231 13.81 -3.63 -2.59
CA ILE A 231 12.64 -2.78 -2.71
C ILE A 231 11.43 -3.41 -2.03
N VAL A 232 11.29 -4.72 -2.16
CA VAL A 232 10.11 -5.41 -1.64
C VAL A 232 10.28 -5.75 -0.16
N LEU A 233 11.40 -6.38 0.19
CA LEU A 233 11.55 -6.92 1.54
C LEU A 233 11.82 -5.85 2.60
N TYR A 234 12.11 -4.61 2.19
CA TYR A 234 12.45 -3.57 3.15
C TYR A 234 11.26 -3.24 4.04
N LYS A 235 10.11 -2.96 3.44
CA LYS A 235 8.92 -2.61 4.18
C LYS A 235 8.09 -3.81 4.59
N LEU A 236 8.67 -5.01 4.53
CA LEU A 236 7.97 -6.20 4.99
C LEU A 236 7.61 -6.10 6.47
N GLY A 237 8.54 -5.57 7.28
CA GLY A 237 8.25 -5.38 8.69
C GLY A 237 7.12 -4.40 8.91
N ASP A 238 7.12 -3.29 8.18
CA ASP A 238 6.04 -2.32 8.27
C ASP A 238 4.76 -2.82 7.59
N ALA A 239 4.87 -3.86 6.78
CA ALA A 239 3.67 -4.42 6.14
C ALA A 239 2.99 -5.44 7.03
N PHE A 240 3.77 -6.33 7.66
CA PHE A 240 3.20 -7.22 8.66
C PHE A 240 2.69 -6.44 9.85
N ALA A 241 3.46 -5.46 10.31
CA ALA A 241 2.92 -4.43 11.20
C ALA A 241 1.98 -3.55 10.39
N MET A 242 1.38 -2.57 11.06
CA MET A 242 0.22 -1.86 10.50
C MET A 242 -0.78 -2.97 10.17
N SER A 243 -1.31 -3.04 8.95
CA SER A 243 -2.11 -4.17 8.51
C SER A 243 -3.19 -4.53 9.51
N LEU A 244 -2.92 -5.54 10.32
CA LEU A 244 -3.77 -5.94 11.43
C LEU A 244 -3.63 -5.06 12.64
N THR A 245 -3.00 -3.88 12.56
CA THR A 245 -2.87 -3.04 13.75
C THR A 245 -4.24 -2.58 14.25
N THR A 246 -5.16 -2.24 13.35
CA THR A 246 -6.48 -1.80 13.78
C THR A 246 -7.23 -2.92 14.47
N THR A 247 -7.14 -4.14 13.93
CA THR A 247 -7.76 -5.29 14.60
C THR A 247 -7.13 -5.53 15.96
N PHE A 248 -5.81 -5.44 16.04
CA PHE A 248 -5.12 -5.68 17.30
C PHE A 248 -5.55 -4.70 18.37
N LEU A 249 -5.53 -3.41 18.06
CA LEU A 249 -5.84 -2.41 19.07
C LEU A 249 -7.32 -2.46 19.45
N ILE A 250 -8.15 -3.11 18.64
CA ILE A 250 -9.57 -3.27 18.97
C ILE A 250 -9.82 -4.60 19.67
N ARG A 251 -9.38 -5.71 19.08
CA ARG A 251 -9.70 -7.03 19.59
C ARG A 251 -8.60 -7.62 20.46
N GLY A 252 -7.50 -6.90 20.66
CA GLY A 252 -6.39 -7.48 21.41
C GLY A 252 -6.19 -6.91 22.79
N VAL A 253 -6.39 -5.60 22.95
CA VAL A 253 -6.07 -4.95 24.21
C VAL A 253 -7.21 -3.99 24.56
N GLY A 254 -7.28 -3.58 25.83
CA GLY A 254 -8.40 -2.81 26.36
C GLY A 254 -8.64 -1.47 25.69
N PHE A 255 -7.65 -0.90 25.00
CA PHE A 255 -7.94 0.35 24.30
C PHE A 255 -8.77 0.07 23.06
N ASP A 256 -10.03 -0.28 23.29
CA ASP A 256 -10.92 -0.85 22.29
C ASP A 256 -12.05 0.12 21.99
N ALA A 257 -12.83 -0.18 20.95
CA ALA A 257 -14.06 0.54 20.61
C ALA A 257 -13.86 1.99 20.24
N GLY A 258 -13.14 2.24 19.14
CA GLY A 258 -13.21 3.55 18.50
C GLY A 258 -12.08 4.49 18.82
N GLU A 259 -11.56 4.42 20.04
CA GLU A 259 -10.42 5.27 20.40
C GLU A 259 -9.18 4.88 19.59
N VAL A 260 -9.20 3.70 18.98
CA VAL A 260 -8.14 3.25 18.11
C VAL A 260 -7.99 4.23 16.95
N GLY A 261 -9.10 4.54 16.30
CA GLY A 261 -9.04 5.45 15.15
C GLY A 261 -8.47 6.80 15.52
N MET A 262 -8.94 7.39 16.61
CA MET A 262 -8.48 8.71 17.01
C MET A 262 -7.07 8.70 17.57
N VAL A 263 -6.48 7.53 17.80
CA VAL A 263 -5.13 7.45 18.33
C VAL A 263 -4.21 6.72 17.36
N ASN A 264 -4.61 5.51 16.94
CA ASN A 264 -3.77 4.76 16.02
C ASN A 264 -3.69 5.42 14.65
N LYS A 265 -4.77 6.08 14.21
CA LYS A 265 -4.77 6.74 12.92
C LYS A 265 -4.54 8.24 13.03
N THR A 266 -5.34 8.94 13.84
CA THR A 266 -5.23 10.40 13.93
C THR A 266 -3.85 10.81 14.42
N LEU A 267 -3.37 10.18 15.49
CA LEU A 267 -1.98 10.41 15.90
C LEU A 267 -1.01 9.63 15.03
N GLY A 268 -1.45 8.52 14.45
CA GLY A 268 -0.59 7.78 13.55
C GLY A 268 -0.27 8.55 12.28
N LEU A 269 -1.28 9.25 11.73
CA LEU A 269 -1.05 10.06 10.54
C LEU A 269 -0.09 11.21 10.83
N ILE A 270 -0.29 11.90 11.96
CA ILE A 270 0.60 13.00 12.33
C ILE A 270 2.02 12.49 12.55
N ALA A 271 2.16 11.25 13.04
CA ALA A 271 3.49 10.68 13.22
C ALA A 271 4.22 10.53 11.90
N THR A 272 3.51 10.06 10.86
CA THR A 272 4.16 9.86 9.56
C THR A 272 4.60 11.18 8.96
N ILE A 273 3.77 12.22 9.03
CA ILE A 273 4.08 13.50 8.40
C ILE A 273 5.31 14.12 9.06
N ILE A 274 5.35 14.13 10.38
CA ILE A 274 6.52 14.65 11.08
C ILE A 274 7.74 13.77 10.80
N GLY A 275 7.53 12.45 10.79
CA GLY A 275 8.62 11.53 10.48
C GLY A 275 9.10 11.69 9.05
N ALA A 276 8.17 11.79 8.09
CA ALA A 276 8.57 11.97 6.72
C ALA A 276 9.38 13.24 6.50
N LEU A 277 9.02 14.31 7.22
CA LEU A 277 9.83 15.52 7.20
C LEU A 277 11.22 15.24 7.76
N TYR A 278 11.29 14.50 8.87
CA TYR A 278 12.58 14.13 9.42
C TYR A 278 13.34 13.20 8.49
N GLY A 279 12.61 12.44 7.67
CA GLY A 279 13.23 11.65 6.63
C GLY A 279 13.74 12.45 5.45
N GLY A 280 13.41 13.75 5.41
CA GLY A 280 13.96 14.64 4.42
C GLY A 280 14.95 15.61 5.04
N VAL A 281 15.01 15.62 6.37
CA VAL A 281 15.93 16.52 7.08
C VAL A 281 17.24 15.82 7.42
N LEU A 282 17.17 14.66 8.05
CA LEU A 282 18.39 13.95 8.42
C LEU A 282 19.05 13.28 7.22
N MET A 283 18.31 13.05 6.14
CA MET A 283 18.93 12.51 4.94
C MET A 283 20.01 13.43 4.39
N GLN A 284 19.95 14.73 4.74
CA GLN A 284 21.00 15.64 4.31
C GLN A 284 22.34 15.28 4.92
N ARG A 285 22.34 14.90 6.20
CA ARG A 285 23.57 14.54 6.91
C ARG A 285 23.79 13.03 6.99
N LEU A 286 22.90 12.24 6.40
CA LEU A 286 23.00 10.79 6.48
C LEU A 286 23.15 10.22 5.07
N SER A 287 24.13 9.33 4.91
CA SER A 287 24.29 8.63 3.65
C SER A 287 23.09 7.71 3.40
N LEU A 288 22.76 7.51 2.13
CA LEU A 288 21.55 6.76 1.79
C LEU A 288 21.61 5.35 2.36
N PHE A 289 22.74 4.67 2.21
CA PHE A 289 22.89 3.37 2.86
C PHE A 289 22.88 3.51 4.37
N ARG A 290 23.59 4.51 4.90
CA ARG A 290 23.60 4.75 6.33
C ARG A 290 22.27 5.29 6.84
N ALA A 291 21.40 5.77 5.96
CA ALA A 291 20.07 6.20 6.36
C ALA A 291 19.06 5.07 6.24
N LEU A 292 19.13 4.30 5.14
CA LEU A 292 18.24 3.16 5.00
C LEU A 292 18.47 2.13 6.10
N LEU A 293 19.74 1.92 6.48
CA LEU A 293 20.05 0.97 7.54
C LEU A 293 19.56 1.46 8.89
N ILE A 294 19.86 2.72 9.22
CA ILE A 294 19.50 3.23 10.55
C ILE A 294 17.99 3.37 10.68
N PHE A 295 17.31 3.76 9.59
CA PHE A 295 15.85 3.83 9.65
C PHE A 295 15.22 2.45 9.58
N GLY A 296 15.81 1.54 8.81
CA GLY A 296 15.31 0.17 8.77
C GLY A 296 15.51 -0.56 10.08
N ILE A 297 16.69 -0.38 10.70
CA ILE A 297 16.92 -0.97 12.02
C ILE A 297 15.96 -0.36 13.04
N LEU A 298 15.80 0.96 12.99
CA LEU A 298 14.82 1.60 13.86
C LEU A 298 13.40 1.18 13.50
N GLN A 299 13.18 0.84 12.23
CA GLN A 299 11.89 0.27 11.84
C GLN A 299 11.69 -1.08 12.49
N GLY A 300 12.76 -1.87 12.62
CA GLY A 300 12.64 -3.16 13.28
C GLY A 300 12.30 -3.02 14.76
N VAL A 301 12.97 -2.10 15.45
CA VAL A 301 12.68 -1.88 16.86
C VAL A 301 11.35 -1.15 17.03
N SER A 302 10.88 -0.48 15.98
CA SER A 302 9.57 0.16 16.05
C SER A 302 8.46 -0.87 16.19
N ASN A 303 8.57 -1.99 15.46
CA ASN A 303 7.59 -3.05 15.61
C ASN A 303 7.60 -3.62 17.03
N ALA A 304 8.78 -3.67 17.65
CA ALA A 304 8.83 -3.96 19.08
C ALA A 304 8.12 -2.86 19.84
N GLY A 305 7.25 -3.25 20.75
CA GLY A 305 6.36 -2.30 21.38
C GLY A 305 4.92 -2.67 21.09
N TYR A 306 4.65 -3.08 19.85
CA TYR A 306 3.38 -3.73 19.57
C TYR A 306 3.28 -5.04 20.36
N TRP A 307 4.41 -5.72 20.53
CA TRP A 307 4.49 -6.82 21.46
C TRP A 307 4.31 -6.33 22.91
N LEU A 308 4.79 -5.12 23.20
CA LEU A 308 4.67 -4.59 24.55
C LEU A 308 3.21 -4.40 24.94
N LEU A 309 2.39 -3.89 24.02
CA LEU A 309 0.96 -3.81 24.27
C LEU A 309 0.31 -5.18 24.35
N SER A 310 0.79 -6.14 23.56
CA SER A 310 0.21 -7.47 23.48
C SER A 310 0.48 -8.32 24.71
N ILE A 311 1.35 -7.86 25.61
CA ILE A 311 1.70 -8.61 26.82
C ILE A 311 0.84 -8.19 28.00
N THR A 312 0.90 -6.92 28.38
CA THR A 312 0.11 -6.39 29.49
C THR A 312 -0.39 -5.01 29.10
N ASP A 313 -1.66 -4.74 29.38
CA ASP A 313 -2.26 -3.45 29.09
C ASP A 313 -1.95 -2.52 30.26
N LYS A 314 -0.82 -1.82 30.16
CA LYS A 314 -0.47 -0.84 31.19
C LYS A 314 -1.44 0.32 31.19
N HIS A 315 -1.70 0.90 30.03
CA HIS A 315 -2.59 2.05 29.91
C HIS A 315 -2.80 2.33 28.42
N LEU A 316 -3.66 3.30 28.14
CA LEU A 316 -3.88 3.77 26.77
C LEU A 316 -2.63 4.43 26.21
N MET A 317 -1.92 5.21 27.04
CA MET A 317 -0.76 5.95 26.56
C MET A 317 0.31 5.04 25.97
N SER A 318 0.30 3.76 26.36
CA SER A 318 1.21 2.81 25.74
C SER A 318 0.92 2.66 24.25
N MET A 319 -0.35 2.65 23.88
CA MET A 319 -0.69 2.64 22.46
C MET A 319 -0.41 4.00 21.82
N ALA A 320 -0.78 5.09 22.49
CA ALA A 320 -0.57 6.41 21.93
C ALA A 320 0.91 6.69 21.69
N VAL A 321 1.76 6.32 22.64
CA VAL A 321 3.19 6.53 22.47
C VAL A 321 3.75 5.62 21.38
N ALA A 322 3.38 4.34 21.43
CA ALA A 322 3.93 3.39 20.47
C ALA A 322 3.45 3.68 19.05
N VAL A 323 2.18 4.07 18.90
CA VAL A 323 1.65 4.36 17.57
C VAL A 323 2.42 5.51 16.93
N PHE A 324 2.71 6.55 17.72
CA PHE A 324 3.60 7.61 17.25
C PHE A 324 4.95 7.03 16.83
N PHE A 325 5.58 6.27 17.72
CA PHE A 325 6.90 5.73 17.45
C PHE A 325 6.87 4.72 16.31
N GLU A 326 5.79 3.92 16.22
CA GLU A 326 5.69 2.93 15.16
C GLU A 326 5.67 3.59 13.79
N ASN A 327 4.86 4.63 13.63
CA ASN A 327 4.84 5.36 12.37
C ASN A 327 6.03 6.29 12.23
N LEU A 328 6.58 6.79 13.34
CA LEU A 328 7.74 7.67 13.27
C LEU A 328 8.92 6.96 12.65
N CYS A 329 9.27 5.79 13.18
CA CYS A 329 10.34 5.01 12.59
C CYS A 329 9.94 4.36 11.28
N GLY A 330 8.66 4.38 10.93
CA GLY A 330 8.21 3.85 9.66
C GLY A 330 8.09 4.91 8.59
N GLY A 331 7.38 6.00 8.90
CA GLY A 331 7.22 7.08 7.95
C GLY A 331 8.53 7.77 7.63
N MET A 332 9.38 7.96 8.64
CA MET A 332 10.71 8.52 8.40
C MET A 332 11.54 7.56 7.56
N GLY A 333 11.44 6.25 7.84
CA GLY A 333 12.06 5.25 6.99
C GLY A 333 11.39 5.11 5.65
N THR A 334 10.11 5.49 5.54
CA THR A 334 9.45 5.52 4.25
C THR A 334 10.13 6.52 3.32
N ALA A 335 10.53 7.67 3.87
CA ALA A 335 11.28 8.64 3.07
C ALA A 335 12.62 8.05 2.61
N ALA A 336 13.25 7.23 3.45
CA ALA A 336 14.45 6.53 3.03
C ALA A 336 14.14 5.57 1.88
N PHE A 337 13.00 4.89 1.95
CA PHE A 337 12.59 4.05 0.84
C PHE A 337 12.31 4.88 -0.41
N VAL A 338 11.65 6.02 -0.25
CA VAL A 338 11.36 6.88 -1.39
C VAL A 338 12.66 7.39 -2.00
N ALA A 339 13.62 7.78 -1.15
CA ALA A 339 14.92 8.20 -1.65
C ALA A 339 15.62 7.08 -2.41
N LEU A 340 15.53 5.86 -1.88
CA LEU A 340 16.12 4.73 -2.58
C LEU A 340 15.45 4.49 -3.93
N LEU A 341 14.13 4.64 -3.98
CA LEU A 341 13.43 4.50 -5.25
C LEU A 341 13.91 5.53 -6.27
N MET A 342 14.18 6.75 -5.81
CA MET A 342 14.59 7.80 -6.73
C MET A 342 16.00 7.58 -7.28
N THR A 343 16.85 6.88 -6.53
CA THR A 343 18.20 6.61 -7.03
C THR A 343 18.23 5.45 -8.02
N LEU A 344 17.12 4.75 -8.20
CA LEU A 344 17.05 3.61 -9.11
C LEU A 344 16.26 3.93 -10.37
N CYS A 345 15.97 5.19 -10.63
CA CYS A 345 15.20 5.58 -11.81
C CYS A 345 16.07 6.45 -12.71
N ASN A 346 16.10 6.12 -14.00
CA ASN A 346 16.85 6.91 -14.96
C ASN A 346 16.12 8.22 -15.25
N LYS A 347 16.89 9.22 -15.68
CA LYS A 347 16.29 10.48 -16.10
C LYS A 347 15.51 10.33 -17.40
N SER A 348 15.77 9.27 -18.17
CA SER A 348 15.13 9.12 -19.47
C SER A 348 13.61 8.97 -19.32
N PHE A 349 13.17 8.05 -18.47
CA PHE A 349 11.75 7.87 -18.17
C PHE A 349 11.54 7.83 -16.67
N SER A 350 12.09 8.81 -15.96
CA SER A 350 11.79 8.99 -14.56
C SER A 350 10.29 9.30 -14.38
N ALA A 351 9.86 9.28 -13.13
CA ALA A 351 8.48 9.52 -12.70
C ALA A 351 7.54 8.43 -13.16
N THR A 352 8.01 7.47 -13.95
CA THR A 352 7.26 6.26 -14.29
C THR A 352 7.85 5.03 -13.61
N GLN A 353 9.17 4.96 -13.49
CA GLN A 353 9.78 3.92 -12.67
C GLN A 353 9.37 4.07 -11.21
N PHE A 354 9.35 5.31 -10.71
CA PHE A 354 8.91 5.54 -9.33
C PHE A 354 7.48 5.08 -9.13
N ALA A 355 6.59 5.35 -10.10
CA ALA A 355 5.25 4.79 -10.05
C ALA A 355 5.30 3.27 -10.13
N LEU A 356 6.12 2.73 -11.02
CA LEU A 356 6.21 1.28 -11.17
C LEU A 356 6.91 0.64 -9.98
N LEU A 357 8.05 1.18 -9.56
CA LEU A 357 8.79 0.58 -8.46
C LEU A 357 8.00 0.59 -7.18
N SER A 358 7.34 1.71 -6.86
CA SER A 358 6.51 1.77 -5.66
C SER A 358 5.34 0.81 -5.76
N ALA A 359 4.69 0.75 -6.92
CA ALA A 359 3.62 -0.21 -7.13
C ALA A 359 4.17 -1.64 -7.11
N LEU A 360 5.32 -1.87 -7.74
CA LEU A 360 5.91 -3.20 -7.74
C LEU A 360 6.53 -3.52 -6.38
N SER A 361 6.87 -2.49 -5.60
CA SER A 361 7.28 -2.72 -4.22
C SER A 361 6.17 -3.38 -3.43
N ALA A 362 4.92 -3.13 -3.81
CA ALA A 362 3.77 -3.70 -3.12
C ALA A 362 3.38 -5.06 -3.65
N VAL A 363 4.09 -5.60 -4.64
CA VAL A 363 3.91 -6.99 -5.01
C VAL A 363 4.22 -7.89 -3.81
N GLY A 364 5.23 -7.52 -3.04
CA GLY A 364 5.53 -8.24 -1.81
C GLY A 364 4.55 -7.98 -0.69
N ARG A 365 3.83 -6.85 -0.72
CA ARG A 365 2.81 -6.59 0.28
C ARG A 365 1.60 -7.51 0.12
N VAL A 366 1.44 -8.13 -1.04
CA VAL A 366 0.29 -9.01 -1.27
C VAL A 366 0.36 -10.22 -0.35
N TYR A 367 1.55 -10.83 -0.23
CA TYR A 367 1.68 -12.02 0.61
C TYR A 367 1.48 -11.70 2.08
N VAL A 368 1.68 -10.44 2.48
CA VAL A 368 1.60 -10.09 3.89
C VAL A 368 0.19 -10.30 4.44
N GLY A 369 -0.82 -9.87 3.68
CA GLY A 369 -2.19 -9.90 4.11
C GLY A 369 -2.65 -11.26 4.64
N PRO A 370 -2.72 -12.25 3.75
CA PRO A 370 -3.15 -13.59 4.22
C PRO A 370 -2.26 -14.16 5.30
N ILE A 371 -0.94 -13.94 5.23
CA ILE A 371 -0.04 -14.46 6.25
C ILE A 371 -0.26 -13.73 7.56
N ALA A 372 -0.55 -12.43 7.51
CA ALA A 372 -0.81 -11.68 8.74
C ALA A 372 -2.00 -12.26 9.49
N GLY A 373 -3.10 -12.52 8.79
CA GLY A 373 -4.26 -13.12 9.41
C GLY A 373 -4.03 -14.55 9.84
N TRP A 374 -3.38 -15.34 8.99
CA TRP A 374 -3.14 -16.74 9.30
C TRP A 374 -2.21 -16.92 10.49
N PHE A 375 -1.21 -16.05 10.61
CA PHE A 375 -0.24 -16.17 11.70
C PHE A 375 -0.85 -15.89 13.06
N VAL A 376 -1.74 -14.90 13.14
CA VAL A 376 -2.30 -14.49 14.43
C VAL A 376 -3.16 -15.57 15.07
N GLU A 377 -3.83 -16.40 14.27
CA GLU A 377 -4.66 -17.46 14.83
C GLU A 377 -3.80 -18.58 15.42
N ALA A 378 -2.96 -19.20 14.58
CA ALA A 378 -2.14 -20.31 15.05
C ALA A 378 -1.15 -19.86 16.10
N HIS A 379 -0.54 -18.69 15.92
CA HIS A 379 0.43 -18.14 16.83
C HIS A 379 -0.08 -16.82 17.41
N GLY A 380 0.11 -16.65 18.72
CA GLY A 380 -0.57 -15.59 19.44
C GLY A 380 -0.21 -14.20 18.97
N TRP A 381 -1.00 -13.24 19.45
CA TRP A 381 -0.76 -11.84 19.11
C TRP A 381 0.66 -11.38 19.44
N PRO A 382 1.26 -11.72 20.58
CA PRO A 382 2.67 -11.37 20.78
C PRO A 382 3.60 -11.99 19.76
N THR A 383 3.31 -13.23 19.33
CA THR A 383 4.24 -13.94 18.45
C THR A 383 4.30 -13.29 17.08
N PHE A 384 3.17 -12.83 16.56
CA PHE A 384 3.17 -12.21 15.24
C PHE A 384 3.98 -10.93 15.24
N TYR A 385 3.85 -10.11 16.29
CA TYR A 385 4.59 -8.85 16.36
C TYR A 385 6.04 -9.07 16.75
N LEU A 386 6.33 -10.08 17.57
CA LEU A 386 7.71 -10.50 17.76
C LEU A 386 8.29 -11.11 16.49
N PHE A 387 7.43 -11.57 15.58
CA PHE A 387 7.89 -11.97 14.26
C PHE A 387 8.14 -10.76 13.37
N SER A 388 7.42 -9.66 13.62
CA SER A 388 7.59 -8.46 12.81
C SER A 388 8.99 -7.89 12.94
N VAL A 389 9.55 -7.90 14.15
CA VAL A 389 10.89 -7.35 14.35
C VAL A 389 11.91 -8.18 13.57
N PHE A 390 11.69 -9.49 13.47
CA PHE A 390 12.54 -10.33 12.63
C PHE A 390 12.10 -10.28 11.16
N ALA A 391 10.85 -9.88 10.91
CA ALA A 391 10.35 -9.82 9.54
C ALA A 391 11.00 -8.72 8.73
N ALA A 392 11.37 -7.61 9.37
CA ALA A 392 12.05 -6.53 8.67
C ALA A 392 13.53 -6.80 8.45
N VAL A 393 14.09 -7.79 9.14
CA VAL A 393 15.50 -8.13 9.03
C VAL A 393 15.87 -8.53 7.61
N PRO A 394 15.09 -9.37 6.91
CA PRO A 394 15.44 -9.69 5.52
C PRO A 394 15.58 -8.49 4.61
N GLY A 395 14.75 -7.46 4.81
CA GLY A 395 14.99 -6.22 4.08
C GLY A 395 16.29 -5.55 4.48
N ILE A 396 16.57 -5.51 5.79
CA ILE A 396 17.83 -4.94 6.26
C ILE A 396 19.01 -5.82 5.88
N LEU A 397 18.90 -7.13 6.10
CA LEU A 397 20.03 -8.01 5.83
C LEU A 397 20.39 -7.99 4.35
N LEU A 398 19.40 -7.88 3.48
CA LEU A 398 19.69 -7.73 2.05
C LEU A 398 20.29 -6.37 1.74
N LEU A 399 19.92 -5.33 2.50
CA LEU A 399 20.50 -4.02 2.29
C LEU A 399 22.00 -4.03 2.59
N LEU A 400 22.40 -4.73 3.65
CA LEU A 400 23.83 -4.91 3.91
C LEU A 400 24.49 -5.71 2.79
N ILE A 401 23.78 -6.71 2.27
CA ILE A 401 24.28 -7.45 1.12
C ILE A 401 24.37 -6.54 -0.10
N CYS A 402 23.35 -5.70 -0.30
CA CYS A 402 23.29 -4.79 -1.44
C CYS A 402 24.01 -3.47 -1.16
N ARG A 403 24.91 -3.44 -0.18
CA ARG A 403 25.63 -2.20 0.11
C ARG A 403 26.51 -1.77 -1.06
N LYS A 404 27.20 -2.71 -1.69
CA LYS A 404 28.08 -2.38 -2.81
C LYS A 404 27.28 -1.86 -4.00
N THR A 405 26.15 -2.48 -4.30
CA THR A 405 25.39 -2.11 -5.49
C THR A 405 24.67 -0.78 -5.33
N LEU A 406 24.45 -0.32 -4.10
CA LEU A 406 23.95 1.04 -3.90
C LEU A 406 25.05 2.08 -3.97
N GLU A 407 26.32 1.66 -3.91
CA GLU A 407 27.42 2.61 -3.89
C GLU A 407 27.65 3.23 -5.27
N TYR A 408 27.34 2.49 -6.34
CA TYR A 408 27.54 3.04 -7.68
C TYR A 408 26.56 4.17 -7.97
N THR A 409 25.32 4.07 -7.46
CA THR A 409 24.35 5.13 -7.67
C THR A 409 24.81 6.43 -7.01
N GLN A 410 25.35 6.34 -5.79
CA GLN A 410 25.87 7.53 -5.13
C GLN A 410 27.09 8.08 -5.85
N GLN A 411 27.95 7.21 -6.35
CA GLN A 411 29.20 7.66 -6.96
C GLN A 411 28.95 8.24 -8.35
N THR A 412 28.39 7.44 -9.26
CA THR A 412 28.15 7.87 -10.64
C THR A 412 26.82 7.30 -11.09
N GLU A 413 25.85 8.17 -11.36
CA GLU A 413 24.52 7.74 -11.77
C GLU A 413 24.59 7.04 -13.12
N SER A 414 24.43 5.72 -13.09
CA SER A 414 24.43 4.91 -14.31
C SER A 414 23.83 3.56 -13.98
N PHE A 415 23.48 2.82 -15.02
CA PHE A 415 22.94 1.47 -14.91
C PHE A 415 23.83 0.50 -15.68
N MET A 416 24.14 -0.63 -15.05
CA MET A 416 24.94 -1.68 -15.69
C MET A 416 23.97 -2.64 -16.37
N MET A 417 23.87 -2.53 -17.70
CA MET A 417 22.96 -3.38 -18.46
C MET A 417 23.48 -4.80 -18.63
N ARG A 418 24.73 -5.06 -18.27
CA ARG A 418 25.30 -6.40 -18.41
C ARG A 418 24.68 -7.33 -17.38
N ARG A 419 23.84 -8.24 -17.84
CA ARG A 419 23.24 -9.25 -16.98
C ARG A 419 24.09 -10.50 -16.84
N HIS A 420 25.08 -10.69 -17.72
CA HIS A 420 25.96 -11.84 -17.78
C HIS A 420 25.23 -13.12 -18.20
N PHE A 421 23.92 -13.06 -18.40
CA PHE A 421 22.99 -14.18 -18.64
C PHE A 421 22.71 -14.96 -17.37
N SER A 422 23.24 -14.54 -16.23
CA SER A 422 23.00 -15.20 -14.94
C SER A 422 23.29 -16.69 -15.02
N GLY A 423 24.43 -17.03 -15.62
CA GLY A 423 24.73 -18.42 -15.92
C GLY A 423 23.77 -18.95 -16.95
N ALA A 424 22.84 -19.81 -16.53
CA ALA A 424 21.73 -20.28 -17.35
C ALA A 424 20.46 -19.60 -16.84
N TYR A 425 20.04 -18.54 -17.53
CA TYR A 425 18.89 -17.77 -17.07
C TYR A 425 17.60 -18.58 -17.15
N GLN A 426 17.50 -19.47 -18.14
CA GLN A 426 16.29 -20.28 -18.27
C GLN A 426 16.04 -21.11 -17.01
N PHE A 427 17.10 -21.39 -16.24
CA PHE A 427 16.92 -22.07 -14.97
C PHE A 427 16.39 -21.13 -13.89
N ALA A 428 16.50 -19.81 -14.09
CA ALA A 428 16.12 -18.85 -13.07
C ALA A 428 14.69 -18.33 -13.24
N LEU A 429 14.40 -17.67 -14.36
CA LEU A 429 13.08 -17.06 -14.58
C LEU A 429 12.06 -18.07 -15.09
N TYR A 430 12.41 -18.83 -16.12
CA TYR A 430 11.46 -19.77 -16.70
C TYR A 430 11.02 -20.82 -15.69
N LEU A 431 11.80 -21.03 -14.63
CA LEU A 431 11.34 -21.88 -13.53
C LEU A 431 10.18 -21.23 -12.79
N LEU A 432 10.23 -19.91 -12.58
CA LEU A 432 9.21 -19.19 -11.86
C LEU A 432 8.11 -18.63 -12.75
N LEU A 433 8.26 -18.76 -14.07
CA LEU A 433 7.25 -18.22 -14.98
C LEU A 433 5.91 -18.90 -14.79
N LEU A 434 5.91 -20.22 -14.59
CA LEU A 434 4.66 -20.93 -14.32
C LEU A 434 4.05 -20.47 -13.01
N GLY A 435 4.87 -20.06 -12.05
CA GLY A 435 4.35 -19.59 -10.78
C GLY A 435 3.53 -18.34 -10.90
N CYS A 436 3.92 -17.44 -11.81
CA CYS A 436 3.14 -16.23 -12.05
C CYS A 436 1.76 -16.57 -12.58
N LEU A 437 1.68 -17.51 -13.53
CA LEU A 437 0.38 -17.98 -14.00
C LEU A 437 -0.34 -18.81 -12.94
N LEU A 438 0.41 -19.38 -12.00
CA LEU A 438 -0.20 -20.23 -10.97
C LEU A 438 -1.14 -19.45 -10.06
N LEU A 439 -0.84 -18.17 -9.79
CA LEU A 439 -1.76 -17.36 -9.00
C LEU A 439 -3.11 -17.24 -9.69
N ALA A 440 -3.10 -16.99 -11.00
CA ALA A 440 -4.34 -16.98 -11.76
C ALA A 440 -4.94 -18.38 -11.85
N LEU A 441 -4.09 -19.40 -12.04
CA LEU A 441 -4.58 -20.76 -12.10
C LEU A 441 -5.13 -21.21 -10.74
N TRP A 442 -4.50 -20.76 -9.65
CA TRP A 442 -5.06 -21.04 -8.33
C TRP A 442 -6.41 -20.35 -8.15
N LEU A 443 -6.56 -19.15 -8.70
CA LEU A 443 -7.84 -18.45 -8.61
C LEU A 443 -8.94 -19.24 -9.28
N ILE A 444 -8.62 -19.97 -10.35
CA ILE A 444 -9.60 -20.87 -10.96
C ILE A 444 -10.00 -21.95 -9.97
N MET A 445 -9.04 -22.47 -9.22
CA MET A 445 -9.36 -23.43 -8.17
C MET A 445 -10.09 -22.78 -7.00
N LEU A 446 -9.95 -21.46 -6.85
CA LEU A 446 -10.60 -20.77 -5.73
C LEU A 446 -12.12 -20.84 -5.85
N ALA A 447 -12.65 -20.68 -7.06
CA ALA A 447 -14.10 -20.76 -7.23
C ALA A 447 -14.62 -22.18 -7.02
N LEU A 448 -13.76 -23.19 -7.17
CA LEU A 448 -14.20 -24.58 -7.09
C LEU A 448 -14.72 -24.91 -5.69
N ASN A 449 -14.04 -24.45 -4.65
CA ASN A 449 -14.51 -24.74 -3.29
C ASN A 449 -15.81 -23.99 -2.99
N ALA A 450 -15.96 -22.78 -3.51
CA ALA A 450 -17.16 -22.01 -3.24
C ALA A 450 -18.40 -22.61 -3.92
N ILE A 451 -18.27 -22.96 -5.21
CA ILE A 451 -19.44 -23.43 -5.97
C ILE A 451 -19.53 -24.93 -6.09
N ASP A 452 -18.50 -25.67 -5.67
CA ASP A 452 -18.47 -27.12 -5.73
C ASP A 452 -18.63 -27.66 -7.15
N TYR A 453 -18.17 -26.90 -8.15
CA TYR A 453 -18.32 -27.35 -9.53
C TYR A 453 -17.38 -28.50 -9.85
N THR A 454 -16.12 -28.40 -9.43
CA THR A 454 -15.13 -29.44 -9.65
C THR A 454 -14.44 -29.75 -8.33
N SER A 455 -14.35 -31.04 -8.00
CA SER A 455 -13.73 -31.47 -6.75
C SER A 455 -12.24 -31.68 -6.96
N PHE A 456 -11.43 -30.86 -6.29
CA PHE A 456 -9.97 -31.00 -6.27
C PHE A 456 -9.54 -30.94 -4.80
N SER A 457 -9.27 -32.11 -4.22
CA SER A 457 -8.90 -32.18 -2.81
C SER A 457 -7.57 -31.49 -2.55
N PHE A 458 -6.73 -31.35 -3.59
CA PHE A 458 -5.45 -30.70 -3.41
C PHE A 458 -5.61 -29.25 -2.97
N LEU A 459 -6.53 -28.52 -3.62
CA LEU A 459 -6.87 -27.16 -3.22
C LEU A 459 -5.65 -26.26 -3.19
N ALA A 460 -5.15 -25.96 -2.00
CA ALA A 460 -4.01 -25.08 -1.83
C ALA A 460 -2.69 -25.83 -1.69
N GLY A 461 -2.69 -27.15 -1.83
CA GLY A 461 -1.46 -27.91 -1.71
C GLY A 461 -0.43 -27.51 -2.76
N LEU A 462 -0.88 -27.36 -4.00
CA LEU A 462 0.03 -26.96 -5.08
C LEU A 462 0.40 -25.48 -4.97
N LEU A 463 -0.53 -24.65 -4.51
CA LEU A 463 -0.25 -23.22 -4.42
C LEU A 463 0.89 -22.92 -3.45
N GLU A 464 0.89 -23.58 -2.29
CA GLU A 464 1.87 -23.28 -1.26
C GLU A 464 3.27 -23.66 -1.69
N VAL A 465 3.45 -24.89 -2.17
CA VAL A 465 4.79 -25.40 -2.45
C VAL A 465 5.41 -24.68 -3.65
N ALA A 466 4.65 -24.52 -4.73
CA ALA A 466 5.23 -24.00 -5.97
C ALA A 466 5.44 -22.49 -5.91
N ALA A 467 4.63 -21.76 -5.14
CA ALA A 467 4.83 -20.33 -4.99
C ALA A 467 6.17 -20.03 -4.34
N LEU A 468 6.52 -20.78 -3.29
CA LEU A 468 7.86 -20.67 -2.72
C LEU A 468 8.90 -21.08 -3.73
N ILE A 469 8.62 -22.12 -4.52
CA ILE A 469 9.50 -22.48 -5.63
C ILE A 469 9.57 -21.33 -6.64
N ALA A 470 8.43 -20.69 -6.91
CA ALA A 470 8.43 -19.48 -7.73
C ALA A 470 9.24 -18.38 -7.08
N ILE A 471 9.09 -18.19 -5.77
CA ILE A 471 9.94 -17.26 -5.04
C ILE A 471 11.38 -17.76 -5.03
N ALA A 472 11.56 -19.07 -4.93
CA ALA A 472 12.91 -19.63 -5.00
C ALA A 472 13.59 -19.28 -6.31
N GLY A 473 12.82 -19.26 -7.41
CA GLY A 473 13.37 -18.77 -8.67
C GLY A 473 13.88 -17.34 -8.56
N VAL A 474 13.12 -16.48 -7.88
CA VAL A 474 13.63 -15.16 -7.53
C VAL A 474 14.80 -15.29 -6.56
N LEU A 475 14.68 -16.17 -5.58
CA LEU A 475 15.76 -16.35 -4.60
C LEU A 475 17.03 -16.85 -5.27
N LEU A 476 16.93 -17.92 -6.06
CA LEU A 476 18.09 -18.38 -6.81
C LEU A 476 18.45 -17.41 -7.93
N GLY A 477 17.45 -16.72 -8.49
CA GLY A 477 17.75 -15.67 -9.44
C GLY A 477 18.50 -14.51 -8.80
N ALA A 478 18.03 -14.07 -7.62
CA ALA A 478 18.78 -13.06 -6.87
C ALA A 478 20.12 -13.61 -6.42
N ILE A 479 20.20 -14.92 -6.18
CA ILE A 479 21.49 -15.54 -5.88
C ILE A 479 22.43 -15.37 -7.06
N LEU A 480 21.89 -15.45 -8.28
CA LEU A 480 22.71 -15.29 -9.47
C LEU A 480 23.28 -13.88 -9.56
N ASP A 481 22.58 -12.87 -9.05
CA ASP A 481 23.10 -11.51 -9.12
C ASP A 481 24.39 -11.37 -8.35
N TYR A 482 24.44 -11.87 -7.11
CA TYR A 482 25.63 -11.69 -6.29
C TYR A 482 26.83 -12.41 -6.88
N LEU A 483 26.63 -13.64 -7.36
CA LEU A 483 27.75 -14.36 -7.96
C LEU A 483 28.14 -13.76 -9.31
N ALA A 484 27.17 -13.20 -10.05
CA ALA A 484 27.47 -12.54 -11.30
C ALA A 484 27.83 -11.07 -11.15
N LEU A 485 27.67 -10.49 -9.96
CA LEU A 485 28.13 -9.12 -9.75
C LEU A 485 29.65 -9.02 -9.79
N ARG A 486 30.36 -10.14 -9.75
CA ARG A 486 31.81 -10.10 -9.92
C ARG A 486 32.17 -9.60 -11.32
N ARG A 487 31.38 -9.98 -12.32
CA ARG A 487 31.59 -9.52 -13.69
C ARG A 487 30.56 -8.45 -14.05
#